data_6T0K
#
_entry.id   6T0K
#
_cell.length_a   51.620
_cell.length_b   75.030
_cell.length_c   56.520
_cell.angle_alpha   90.000
_cell.angle_beta   106.923
_cell.angle_gamma   90.000
#
_symmetry.space_group_name_H-M   'P 1 21 1'
#
loop_
_entity.id
_entity.type
_entity.pdbx_description
1 polymer 'CYP124 in complex with inhibitor carbethoxyhexyl imidazole'
2 non-polymer 'PROTOPORPHYRIN IX CONTAINING FE'
3 non-polymer 'ethyl 7-imidazol-1-ylheptanoate'
4 non-polymer GLYCEROL
5 non-polymer 'MAGNESIUM ION'
6 non-polymer 'CHLORIDE ION'
7 water water
#
_entity_poly.entity_id   1
_entity_poly.type   'polypeptide(L)'
_entity_poly.pdbx_seq_one_letter_code
;MHHHHHHMGLNTAIATRVNGTPPPEVPIADIELGSLDFWALDDDVRDGAFATLRREAPISFWPTIELPGFVAGNGHWALT
KYDDVFYASRHPDIFSSYPNITINDQTPELAEYFGSMIVLDDPRHQRLRSIVSRAFTPKVVARIEAAVRDRAHRLVSSMI
ANNPDRQADLVSELAGPLPLQIICDMMGIPKADHQRIFHWTNVILGFGDPDLATDFDEFMQVSADIGAYATALAEDRRVN
HHDDLTSSLVEAEVDGERLSSREIASFFILLVVAGNETTRNAITHGVLALSRYPEQRDRWWSDFDGLAPTAVEEIVRWAS
PVVYMRRTLTQDIELRGTKMAAGDKVSLWYCSANRDESKFADPWTFDLARNPNPHLGFGGGGAHFCLGANLARREIRVAF
DELRRQMPDVVATEEPARLLSQFIHGIKTLPVTWS
;
_entity_poly.pdbx_strand_id   A
#
loop_
_chem_comp.id
_chem_comp.type
_chem_comp.name
_chem_comp.formula
CL non-polymer 'CHLORIDE ION' 'Cl -1'
GOL non-polymer GLYCEROL 'C3 H8 O3'
HEM non-polymer 'PROTOPORPHYRIN IX CONTAINING FE' 'C34 H32 Fe N4 O4'
M65 non-polymer 'ethyl 7-imidazol-1-ylheptanoate' 'C12 H20 N2 O2'
MG non-polymer 'MAGNESIUM ION' 'Mg 2'
#
# COMPACT_ATOMS: atom_id res chain seq x y z
C HIS A 5 7.50 -32.36 12.29
N HIS A 6 8.69 -32.16 12.87
CA HIS A 6 8.78 -31.88 14.30
C HIS A 6 9.51 -30.56 14.50
N HIS A 7 8.98 -29.48 13.93
CA HIS A 7 9.61 -28.18 14.05
C HIS A 7 9.32 -27.57 15.42
N MET A 8 10.16 -26.63 15.84
CA MET A 8 9.93 -25.96 17.11
C MET A 8 8.76 -24.98 16.97
N GLY A 9 8.10 -24.73 18.09
CA GLY A 9 7.02 -23.76 18.12
C GLY A 9 5.67 -24.36 18.42
N LEU A 10 4.61 -23.67 18.02
CA LEU A 10 3.24 -24.11 18.30
C LEU A 10 2.80 -25.13 17.26
N ASN A 11 1.93 -26.05 17.69
CA ASN A 11 1.65 -27.24 16.89
C ASN A 11 0.95 -26.93 15.57
N THR A 12 0.17 -25.86 15.53
CA THR A 12 -0.60 -25.56 14.33
C THR A 12 0.05 -24.45 13.50
N ALA A 13 1.29 -24.08 13.78
CA ALA A 13 1.93 -23.03 13.01
C ALA A 13 2.12 -23.47 11.57
N ILE A 14 2.11 -22.48 10.67
CA ILE A 14 2.37 -22.77 9.26
C ILE A 14 3.80 -23.28 9.09
N ALA A 15 4.08 -23.86 7.93
CA ALA A 15 5.42 -24.33 7.64
C ALA A 15 6.40 -23.18 7.58
N THR A 16 7.62 -23.42 8.08
CA THR A 16 8.69 -22.45 7.90
C THR A 16 9.32 -22.64 6.52
N ARG A 17 10.11 -21.66 6.11
CA ARG A 17 10.85 -21.73 4.87
C ARG A 17 12.34 -21.55 5.12
N VAL A 18 13.15 -22.05 4.20
CA VAL A 18 14.59 -21.83 4.25
C VAL A 18 14.86 -20.43 3.70
N ASN A 19 15.35 -19.54 4.56
CA ASN A 19 15.59 -18.17 4.14
C ASN A 19 16.64 -18.14 3.04
N GLY A 20 16.46 -17.26 2.05
CA GLY A 20 17.42 -17.10 0.99
C GLY A 20 17.17 -17.93 -0.26
N THR A 21 16.17 -18.81 -0.24
CA THR A 21 15.94 -19.71 -1.37
C THR A 21 15.26 -18.94 -2.51
N PRO A 22 15.86 -18.86 -3.69
N PRO A 22 15.86 -18.86 -3.69
CA PRO A 22 15.19 -18.19 -4.80
CA PRO A 22 15.19 -18.20 -4.80
C PRO A 22 14.07 -19.05 -5.33
C PRO A 22 14.06 -19.06 -5.32
N PRO A 23 12.96 -18.46 -5.77
CA PRO A 23 11.94 -19.25 -6.44
C PRO A 23 12.44 -19.66 -7.81
N PRO A 24 11.99 -20.79 -8.33
CA PRO A 24 12.31 -21.12 -9.73
C PRO A 24 11.79 -20.04 -10.67
N GLU A 25 12.58 -19.74 -11.68
CA GLU A 25 12.10 -18.84 -12.72
C GLU A 25 11.05 -19.57 -13.56
N VAL A 26 10.16 -18.79 -14.16
CA VAL A 26 8.95 -19.27 -14.81
C VAL A 26 9.12 -19.10 -16.31
N PRO A 27 8.80 -20.10 -17.13
CA PRO A 27 8.90 -19.92 -18.59
C PRO A 27 8.08 -18.73 -19.05
N ILE A 28 8.66 -17.94 -19.97
CA ILE A 28 8.01 -16.68 -20.31
C ILE A 28 6.64 -16.91 -20.94
N ALA A 29 6.42 -18.04 -21.61
CA ALA A 29 5.11 -18.32 -22.19
C ALA A 29 4.02 -18.49 -21.14
N ASP A 30 4.38 -18.71 -19.88
CA ASP A 30 3.40 -18.88 -18.82
C ASP A 30 3.10 -17.59 -18.07
N ILE A 31 3.62 -16.45 -18.54
CA ILE A 31 3.46 -15.17 -17.86
C ILE A 31 2.48 -14.31 -18.65
N GLU A 32 1.38 -13.90 -18.01
N GLU A 32 1.41 -13.86 -17.99
CA GLU A 32 0.42 -12.99 -18.63
CA GLU A 32 0.42 -12.99 -18.62
C GLU A 32 0.05 -11.90 -17.62
C GLU A 32 0.04 -11.90 -17.63
N LEU A 33 0.81 -10.80 -17.65
CA LEU A 33 0.53 -9.72 -16.70
C LEU A 33 -0.84 -9.10 -16.94
N GLY A 34 -1.39 -9.26 -18.14
CA GLY A 34 -2.68 -8.67 -18.48
C GLY A 34 -3.86 -9.59 -18.26
N SER A 35 -3.71 -10.62 -17.42
CA SER A 35 -4.82 -11.50 -17.07
C SER A 35 -4.93 -11.58 -15.56
N LEU A 36 -6.14 -11.40 -15.03
N LEU A 36 -6.14 -11.42 -15.04
CA LEU A 36 -6.34 -11.59 -13.60
CA LEU A 36 -6.35 -11.59 -13.60
C LEU A 36 -5.90 -12.99 -13.16
C LEU A 36 -6.00 -12.99 -13.14
N ASP A 37 -6.02 -13.98 -14.03
CA ASP A 37 -5.60 -15.34 -13.67
C ASP A 37 -4.15 -15.38 -13.19
N PHE A 38 -3.28 -14.57 -13.79
CA PHE A 38 -1.89 -14.53 -13.35
C PHE A 38 -1.78 -14.04 -11.91
N TRP A 39 -2.58 -13.02 -11.56
CA TRP A 39 -2.54 -12.44 -10.23
C TRP A 39 -3.11 -13.37 -9.17
N ALA A 40 -3.81 -14.43 -9.58
CA ALA A 40 -4.25 -15.46 -8.67
C ALA A 40 -3.20 -16.53 -8.38
N LEU A 41 -2.13 -16.61 -9.17
CA LEU A 41 -1.11 -17.61 -8.92
C LEU A 41 -0.41 -17.33 -7.59
N ASP A 42 0.20 -18.39 -7.05
N ASP A 42 0.20 -18.35 -7.00
CA ASP A 42 1.00 -18.33 -5.84
CA ASP A 42 0.81 -18.06 -5.71
C ASP A 42 2.08 -17.26 -5.97
C ASP A 42 2.02 -17.14 -5.84
N ASP A 43 2.38 -16.61 -4.84
N ASP A 43 2.41 -16.54 -4.71
CA ASP A 43 3.37 -15.54 -4.83
CA ASP A 43 3.45 -15.52 -4.72
C ASP A 43 4.76 -16.02 -5.24
C ASP A 43 4.76 -16.03 -5.30
N ASP A 44 5.08 -17.30 -4.98
N ASP A 44 5.13 -17.27 -4.99
CA ASP A 44 6.35 -17.85 -5.46
CA ASP A 44 6.41 -17.79 -5.48
C ASP A 44 6.40 -17.84 -6.99
C ASP A 44 6.43 -17.92 -7.01
N VAL A 45 5.30 -18.22 -7.63
CA VAL A 45 5.23 -18.24 -9.08
C VAL A 45 5.31 -16.81 -9.62
N ARG A 46 4.58 -15.88 -8.98
CA ARG A 46 4.67 -14.49 -9.39
C ARG A 46 6.09 -13.97 -9.29
N ASP A 47 6.78 -14.27 -8.18
CA ASP A 47 8.14 -13.80 -8.00
C ASP A 47 9.06 -14.39 -9.06
N GLY A 48 8.89 -15.68 -9.37
CA GLY A 48 9.70 -16.29 -10.41
C GLY A 48 9.40 -15.75 -11.79
N ALA A 49 8.15 -15.32 -12.03
CA ALA A 49 7.79 -14.70 -13.31
C ALA A 49 8.48 -13.35 -13.46
N PHE A 50 8.45 -12.52 -12.42
CA PHE A 50 9.17 -11.25 -12.54
C PHE A 50 10.67 -11.46 -12.66
N ALA A 51 11.22 -12.51 -12.03
CA ALA A 51 12.63 -12.83 -12.25
C ALA A 51 12.91 -13.14 -13.72
N THR A 52 12.03 -13.92 -14.36
CA THR A 52 12.20 -14.18 -15.80
C THR A 52 12.17 -12.88 -16.60
N LEU A 53 11.22 -11.98 -16.29
CA LEU A 53 11.14 -10.74 -17.03
C LEU A 53 12.40 -9.89 -16.84
N ARG A 54 12.89 -9.78 -15.61
CA ARG A 54 14.11 -9.01 -15.39
C ARG A 54 15.26 -9.55 -16.24
N ARG A 55 15.32 -10.88 -16.39
CA ARG A 55 16.39 -11.51 -17.13
C ARG A 55 16.20 -11.40 -18.64
N GLU A 56 15.01 -11.71 -19.15
CA GLU A 56 14.78 -11.93 -20.57
C GLU A 56 14.04 -10.81 -21.27
N ALA A 57 13.27 -10.01 -20.54
CA ALA A 57 12.42 -8.99 -21.16
C ALA A 57 12.22 -7.85 -20.17
N PRO A 58 13.29 -7.14 -19.79
CA PRO A 58 13.18 -6.15 -18.71
C PRO A 58 12.23 -5.01 -19.05
N ILE A 59 12.03 -4.71 -20.31
N ILE A 59 12.06 -4.71 -20.33
CA ILE A 59 10.93 -3.86 -20.73
CA ILE A 59 10.95 -3.92 -20.87
C ILE A 59 10.11 -4.64 -21.73
C ILE A 59 10.05 -4.87 -21.64
N SER A 60 8.83 -4.83 -21.42
N SER A 60 8.75 -4.85 -21.34
CA SER A 60 7.96 -5.64 -22.25
CA SER A 60 7.83 -5.82 -21.97
C SER A 60 6.61 -4.98 -22.27
C SER A 60 6.44 -5.20 -22.08
N PHE A 61 5.78 -5.38 -23.23
CA PHE A 61 4.48 -4.77 -23.46
C PHE A 61 3.36 -5.75 -23.10
N TRP A 62 2.30 -5.24 -22.46
CA TRP A 62 1.18 -6.08 -22.03
C TRP A 62 -0.14 -5.37 -22.27
N PRO A 63 -1.18 -6.12 -22.62
N PRO A 63 -1.17 -6.10 -22.68
CA PRO A 63 -2.52 -5.53 -22.66
CA PRO A 63 -2.51 -5.50 -22.70
C PRO A 63 -2.98 -5.19 -21.25
C PRO A 63 -3.00 -5.22 -21.28
N THR A 64 -3.86 -4.21 -21.18
CA THR A 64 -4.41 -3.79 -19.90
C THR A 64 -5.53 -4.73 -19.48
N ILE A 65 -5.58 -5.06 -18.19
N ILE A 65 -5.58 -5.07 -18.18
CA ILE A 65 -6.71 -5.79 -17.63
CA ILE A 65 -6.59 -6.02 -17.70
C ILE A 65 -7.91 -4.86 -17.58
C ILE A 65 -7.97 -5.48 -17.95
N GLU A 66 -9.06 -5.36 -18.01
N GLU A 66 -8.85 -6.35 -18.47
CA GLU A 66 -10.31 -4.61 -17.92
CA GLU A 66 -10.26 -6.01 -18.67
C GLU A 66 -11.14 -5.23 -16.81
C GLU A 66 -11.00 -6.33 -17.38
N LEU A 67 -11.10 -4.61 -15.64
N LEU A 67 -11.43 -5.29 -16.69
CA LEU A 67 -12.04 -4.98 -14.59
CA LEU A 67 -12.28 -5.42 -15.52
C LEU A 67 -13.44 -4.58 -15.03
C LEU A 67 -13.65 -4.86 -15.83
N PRO A 68 -14.48 -5.22 -14.48
N PRO A 68 -14.73 -5.60 -15.56
CA PRO A 68 -15.85 -4.94 -14.94
CA PRO A 68 -16.08 -5.10 -15.83
C PRO A 68 -16.19 -3.47 -14.85
C PRO A 68 -16.33 -3.70 -15.30
N GLY A 69 -16.57 -2.88 -15.99
N GLY A 69 -16.64 -2.76 -16.19
CA GLY A 69 -16.98 -1.48 -16.05
CA GLY A 69 -16.92 -1.39 -15.85
C GLY A 69 -15.86 -0.49 -16.26
C GLY A 69 -15.78 -0.43 -16.15
N PHE A 70 -14.61 -0.94 -16.22
N PHE A 70 -14.54 -0.90 -16.08
CA PHE A 70 -13.47 -0.07 -16.46
CA PHE A 70 -13.41 -0.07 -16.42
C PHE A 70 -13.12 -0.10 -17.94
C PHE A 70 -13.22 -0.02 -17.93
N VAL A 71 -12.40 0.93 -18.38
CA VAL A 71 -11.99 1.06 -19.77
C VAL A 71 -10.51 0.71 -19.82
N ALA A 72 -10.16 -0.41 -20.45
CA ALA A 72 -8.77 -0.84 -20.51
C ALA A 72 -7.94 0.11 -21.37
N GLY A 73 -8.46 0.46 -22.55
CA GLY A 73 -7.69 1.31 -23.42
C GLY A 73 -6.40 0.65 -23.87
N ASN A 74 -5.40 1.48 -24.13
CA ASN A 74 -4.13 1.00 -24.65
C ASN A 74 -3.39 0.17 -23.59
N GLY A 75 -2.48 -0.69 -24.06
CA GLY A 75 -1.63 -1.49 -23.21
C GLY A 75 -0.50 -0.65 -22.63
N HIS A 76 0.44 -1.33 -21.99
CA HIS A 76 1.48 -0.62 -21.24
C HIS A 76 2.84 -1.31 -21.35
N TRP A 77 3.89 -0.49 -21.28
CA TRP A 77 5.27 -0.97 -21.20
C TRP A 77 5.63 -1.20 -19.74
N ALA A 78 5.98 -2.44 -19.40
CA ALA A 78 6.31 -2.81 -18.03
C ALA A 78 7.80 -2.66 -17.78
N LEU A 79 8.14 -1.85 -16.78
CA LEU A 79 9.51 -1.66 -16.32
C LEU A 79 9.69 -2.52 -15.07
N THR A 80 10.50 -3.57 -15.19
CA THR A 80 10.69 -4.52 -14.12
C THR A 80 12.06 -4.40 -13.44
N LYS A 81 12.97 -3.60 -13.99
CA LYS A 81 14.28 -3.42 -13.38
C LYS A 81 14.30 -2.20 -12.46
N TYR A 82 14.99 -2.35 -11.33
CA TYR A 82 15.11 -1.26 -10.37
C TYR A 82 15.56 0.05 -11.02
N ASP A 83 16.59 0.00 -11.87
N ASP A 83 16.61 0.00 -11.85
CA ASP A 83 17.17 1.25 -12.36
CA ASP A 83 17.17 1.24 -12.37
C ASP A 83 16.24 1.99 -13.31
C ASP A 83 16.16 1.99 -13.22
N ASP A 84 15.34 1.27 -14.00
CA ASP A 84 14.37 1.91 -14.86
C ASP A 84 13.21 2.47 -14.07
N VAL A 85 12.76 1.76 -13.02
CA VAL A 85 11.71 2.29 -12.16
C VAL A 85 12.20 3.56 -11.46
N PHE A 86 13.45 3.53 -10.99
N PHE A 86 13.43 3.50 -10.95
CA PHE A 86 14.02 4.70 -10.33
CA PHE A 86 14.08 4.66 -10.33
C PHE A 86 14.12 5.86 -11.30
C PHE A 86 14.12 5.83 -11.30
N TYR A 87 14.65 5.61 -12.50
CA TYR A 87 14.77 6.66 -13.51
C TYR A 87 13.39 7.26 -13.85
N ALA A 88 12.39 6.41 -14.09
CA ALA A 88 11.08 6.93 -14.47
C ALA A 88 10.50 7.79 -13.35
N SER A 89 10.67 7.35 -12.10
CA SER A 89 10.14 8.07 -10.95
C SER A 89 10.72 9.46 -10.84
N ARG A 90 12.00 9.62 -11.18
N ARG A 90 12.00 9.62 -11.19
CA ARG A 90 12.73 10.87 -11.01
CA ARG A 90 12.71 10.87 -11.00
C ARG A 90 12.67 11.79 -12.21
C ARG A 90 12.77 11.72 -12.26
N HIS A 91 11.96 11.39 -13.27
CA HIS A 91 11.82 12.21 -14.46
C HIS A 91 10.35 12.42 -14.78
N PRO A 92 9.62 13.12 -13.91
CA PRO A 92 8.18 13.31 -14.12
C PRO A 92 7.85 14.19 -15.32
N ASP A 93 8.77 15.02 -15.81
CA ASP A 93 8.48 15.77 -17.02
C ASP A 93 8.32 14.86 -18.22
N ILE A 94 8.96 13.69 -18.19
CA ILE A 94 8.83 12.68 -19.23
C ILE A 94 7.77 11.65 -18.88
N PHE A 95 7.79 11.17 -17.63
CA PHE A 95 6.87 10.12 -17.15
C PHE A 95 5.82 10.80 -16.28
N SER A 96 4.73 11.23 -16.91
N SER A 96 4.73 11.25 -16.90
CA SER A 96 3.70 12.04 -16.25
CA SER A 96 3.74 12.06 -16.22
C SER A 96 2.75 11.17 -15.43
C SER A 96 2.75 11.19 -15.43
N SER A 97 2.27 11.74 -14.31
CA SER A 97 1.25 11.09 -13.50
C SER A 97 -0.14 11.42 -13.99
N TYR A 98 -0.28 12.29 -14.98
CA TYR A 98 -1.53 12.55 -15.65
C TYR A 98 -1.62 11.70 -16.91
N PRO A 99 -2.76 11.05 -17.21
CA PRO A 99 -4.06 11.23 -16.54
C PRO A 99 -4.40 10.22 -15.44
N ASN A 100 -3.58 9.19 -15.21
CA ASN A 100 -3.96 8.20 -14.23
C ASN A 100 -2.71 7.49 -13.73
N ILE A 101 -2.81 6.92 -12.53
CA ILE A 101 -1.73 6.12 -11.98
C ILE A 101 -2.06 4.64 -11.86
N THR A 102 -3.29 4.22 -12.17
CA THR A 102 -3.56 2.83 -12.50
C THR A 102 -3.57 2.70 -14.03
N ILE A 103 -3.57 1.45 -14.51
N ILE A 103 -3.55 1.46 -14.50
CA ILE A 103 -3.36 1.24 -15.94
CA ILE A 103 -3.35 1.23 -15.94
C ILE A 103 -4.61 1.53 -16.77
C ILE A 103 -4.60 1.54 -16.76
N ASN A 104 -5.79 1.38 -16.19
CA ASN A 104 -7.02 1.67 -16.92
C ASN A 104 -7.10 3.14 -17.29
N ASP A 105 -7.92 3.44 -18.30
CA ASP A 105 -8.18 4.82 -18.67
C ASP A 105 -9.04 5.51 -17.64
N GLN A 106 -8.78 6.81 -17.45
N GLN A 106 -8.71 6.78 -17.36
CA GLN A 106 -9.55 7.65 -16.54
CA GLN A 106 -9.57 7.62 -16.56
C GLN A 106 -10.70 8.33 -17.28
C GLN A 106 -10.77 8.04 -17.41
N THR A 107 -11.91 8.17 -16.76
CA THR A 107 -13.10 8.72 -17.37
C THR A 107 -13.55 9.92 -16.55
N PRO A 108 -14.38 10.80 -17.13
CA PRO A 108 -14.93 11.90 -16.31
C PRO A 108 -15.65 11.42 -15.08
N GLU A 109 -16.37 10.29 -15.18
CA GLU A 109 -17.08 9.71 -14.04
C GLU A 109 -16.12 9.34 -12.92
N LEU A 110 -15.00 8.70 -13.25
CA LEU A 110 -14.02 8.35 -12.23
C LEU A 110 -13.29 9.57 -11.69
N ALA A 111 -13.06 10.57 -12.54
CA ALA A 111 -12.29 11.74 -12.13
C ALA A 111 -13.00 12.56 -11.06
N GLU A 112 -14.32 12.39 -10.91
N GLU A 112 -14.31 12.40 -10.92
CA GLU A 112 -15.05 13.09 -9.88
CA GLU A 112 -15.02 13.11 -9.86
C GLU A 112 -14.60 12.67 -8.48
C GLU A 112 -14.54 12.69 -8.49
N TYR A 113 -14.10 11.45 -8.35
CA TYR A 113 -13.71 10.90 -7.06
C TYR A 113 -12.22 10.57 -6.99
N PHE A 114 -11.56 10.46 -8.14
N PHE A 114 -11.56 10.45 -8.13
CA PHE A 114 -10.19 9.99 -8.26
CA PHE A 114 -10.17 9.98 -8.18
C PHE A 114 -9.38 10.96 -9.11
C PHE A 114 -9.25 10.99 -8.83
N GLY A 115 -9.52 12.25 -8.80
N GLY A 115 -9.70 12.24 -8.93
CA GLY A 115 -8.82 13.29 -9.52
CA GLY A 115 -8.89 13.31 -9.48
C GLY A 115 -7.86 14.08 -8.65
C GLY A 115 -8.14 14.09 -8.44
N SER A 116 -7.31 13.42 -7.64
CA SER A 116 -6.49 14.07 -6.63
C SER A 116 -5.11 14.42 -7.18
N MET A 117 -4.26 14.92 -6.29
N MET A 117 -4.26 14.94 -6.30
CA MET A 117 -2.89 15.29 -6.65
CA MET A 117 -2.89 15.29 -6.66
C MET A 117 -2.06 14.11 -7.14
C MET A 117 -2.09 14.10 -7.17
N ILE A 118 -2.49 12.87 -6.86
CA ILE A 118 -1.68 11.71 -7.30
C ILE A 118 -1.75 11.54 -8.82
N VAL A 119 -2.75 12.14 -9.47
CA VAL A 119 -2.87 12.08 -10.92
C VAL A 119 -2.63 13.45 -11.55
N LEU A 120 -1.83 14.27 -10.88
CA LEU A 120 -1.44 15.57 -11.40
C LEU A 120 0.07 15.73 -11.37
N ASP A 121 0.58 16.57 -12.26
CA ASP A 121 1.97 16.97 -12.24
C ASP A 121 2.12 18.31 -11.53
N ASP A 122 3.37 18.67 -11.25
CA ASP A 122 3.68 19.99 -10.72
C ASP A 122 3.48 21.04 -11.83
N PRO A 123 3.17 22.30 -11.44
CA PRO A 123 3.12 22.79 -10.05
C PRO A 123 1.85 22.48 -9.28
N ARG A 124 0.74 22.11 -9.92
CA ARG A 124 -0.49 21.97 -9.15
C ARG A 124 -0.37 20.86 -8.12
N HIS A 125 0.29 19.76 -8.48
CA HIS A 125 0.47 18.67 -7.52
C HIS A 125 1.09 19.18 -6.22
N GLN A 126 2.18 19.95 -6.32
N GLN A 126 2.18 19.94 -6.34
CA GLN A 126 2.88 20.36 -5.10
CA GLN A 126 2.90 20.41 -5.16
C GLN A 126 2.07 21.39 -4.32
C GLN A 126 2.04 21.36 -4.33
N ARG A 127 1.28 22.23 -5.01
CA ARG A 127 0.45 23.18 -4.28
C ARG A 127 -0.63 22.47 -3.49
N LEU A 128 -1.20 21.39 -4.04
CA LEU A 128 -2.15 20.57 -3.29
C LEU A 128 -1.46 19.85 -2.13
N ARG A 129 -0.32 19.21 -2.40
CA ARG A 129 0.37 18.46 -1.36
C ARG A 129 0.73 19.34 -0.18
N SER A 130 1.10 20.60 -0.43
N SER A 130 1.12 20.59 -0.44
CA SER A 130 1.52 21.48 0.65
CA SER A 130 1.51 21.50 0.63
C SER A 130 0.39 21.81 1.62
C SER A 130 0.39 21.77 1.63
N ILE A 131 -0.87 21.53 1.24
CA ILE A 131 -1.98 21.75 2.17
C ILE A 131 -1.85 20.85 3.38
N VAL A 132 -1.36 19.62 3.18
CA VAL A 132 -1.35 18.62 4.23
C VAL A 132 0.05 18.12 4.60
N SER A 133 1.10 18.60 3.92
CA SER A 133 2.38 17.94 4.06
C SER A 133 2.95 18.06 5.47
N ARG A 134 2.69 19.19 6.15
N ARG A 134 2.70 19.20 6.15
CA ARG A 134 3.24 19.39 7.49
CA ARG A 134 3.25 19.37 7.49
C ARG A 134 2.76 18.30 8.45
C ARG A 134 2.77 18.28 8.44
N ALA A 135 1.51 17.87 8.29
CA ALA A 135 0.94 16.88 9.20
C ALA A 135 1.58 15.50 9.06
N PHE A 136 2.32 15.27 7.98
CA PHE A 136 2.92 13.98 7.71
C PHE A 136 4.44 13.98 7.85
N THR A 137 5.03 15.11 8.29
CA THR A 137 6.47 15.18 8.45
C THR A 137 6.91 14.33 9.64
N PRO A 138 8.16 13.87 9.64
CA PRO A 138 8.61 13.00 10.75
C PRO A 138 8.39 13.59 12.13
N LYS A 139 8.70 14.87 12.32
CA LYS A 139 8.58 15.43 13.66
C LYS A 139 7.12 15.58 14.09
N VAL A 140 6.21 15.83 13.16
CA VAL A 140 4.81 15.95 13.52
C VAL A 140 4.19 14.58 13.77
N VAL A 141 4.52 13.61 12.89
CA VAL A 141 4.05 12.24 13.09
C VAL A 141 4.58 11.67 14.40
N ALA A 142 5.81 12.04 14.78
CA ALA A 142 6.35 11.52 16.03
C ALA A 142 5.48 11.91 17.22
N ARG A 143 4.82 13.05 17.13
N ARG A 143 4.82 13.05 17.13
CA ARG A 143 4.00 13.51 18.24
CA ARG A 143 4.01 13.51 18.26
C ARG A 143 2.75 12.68 18.46
C ARG A 143 2.78 12.65 18.48
N ILE A 144 2.37 11.83 17.51
CA ILE A 144 1.21 10.97 17.72
C ILE A 144 1.59 9.55 18.11
N GLU A 145 2.84 9.31 18.50
CA GLU A 145 3.23 8.02 19.04
C GLU A 145 2.27 7.52 20.13
N ALA A 146 1.88 8.40 21.07
CA ALA A 146 0.97 7.99 22.13
C ALA A 146 -0.36 7.47 21.60
N ALA A 147 -0.90 8.10 20.54
CA ALA A 147 -2.16 7.62 19.98
C ALA A 147 -1.98 6.28 19.29
N VAL A 148 -0.87 6.10 18.56
CA VAL A 148 -0.63 4.82 17.89
C VAL A 148 -0.45 3.72 18.94
N ARG A 149 0.30 4.01 20.00
N ARG A 149 0.34 4.01 19.97
N ARG A 149 0.33 4.00 19.98
CA ARG A 149 0.55 2.98 21.00
CA ARG A 149 0.57 3.06 21.05
CA ARG A 149 0.56 3.00 21.02
C ARG A 149 -0.70 2.64 21.80
C ARG A 149 -0.73 2.65 21.72
C ARG A 149 -0.72 2.65 21.76
N ASP A 150 -1.55 3.64 22.10
CA ASP A 150 -2.77 3.34 22.83
C ASP A 150 -3.66 2.41 22.02
N ARG A 151 -3.82 2.71 20.73
N ARG A 151 -3.82 2.72 20.73
CA ARG A 151 -4.69 1.90 19.88
CA ARG A 151 -4.69 1.90 19.89
C ARG A 151 -4.13 0.52 19.65
C ARG A 151 -4.11 0.51 19.69
N ALA A 152 -2.83 0.42 19.35
CA ALA A 152 -2.22 -0.88 19.11
C ALA A 152 -2.25 -1.74 20.36
N HIS A 153 -1.94 -1.14 21.51
CA HIS A 153 -1.93 -1.89 22.76
C HIS A 153 -3.32 -2.43 23.07
N ARG A 154 -4.34 -1.59 22.91
CA ARG A 154 -5.71 -2.03 23.18
C ARG A 154 -6.13 -3.14 22.21
N LEU A 155 -5.77 -3.02 20.93
CA LEU A 155 -6.15 -4.05 19.96
C LEU A 155 -5.51 -5.40 20.30
N VAL A 156 -4.22 -5.39 20.65
CA VAL A 156 -3.58 -6.67 21.00
C VAL A 156 -4.19 -7.25 22.28
N SER A 157 -4.39 -6.40 23.30
N SER A 157 -4.42 -6.39 23.29
N SER A 157 -4.42 -6.39 23.29
CA SER A 157 -5.08 -6.83 24.51
CA SER A 157 -5.06 -6.85 24.51
CA SER A 157 -5.06 -6.89 24.50
C SER A 157 -6.43 -7.43 24.18
C SER A 157 -6.45 -7.41 24.22
C SER A 157 -6.47 -7.41 24.22
N SER A 158 -7.18 -6.78 23.28
CA SER A 158 -8.50 -7.29 22.90
C SER A 158 -8.42 -8.62 22.16
N MET A 159 -7.35 -8.84 21.38
N MET A 159 -7.38 -8.83 21.33
CA MET A 159 -7.18 -10.14 20.73
CA MET A 159 -7.18 -10.16 20.74
C MET A 159 -7.06 -11.25 21.76
C MET A 159 -7.15 -11.23 21.81
N ILE A 160 -6.45 -10.96 22.91
CA ILE A 160 -6.35 -11.93 23.99
C ILE A 160 -7.69 -12.07 24.71
N ALA A 161 -8.33 -10.93 25.06
CA ALA A 161 -9.58 -10.97 25.81
C ALA A 161 -10.74 -11.54 24.99
N ASN A 162 -10.73 -11.36 23.68
CA ASN A 162 -11.86 -11.76 22.86
C ASN A 162 -11.81 -13.23 22.44
N ASN A 163 -10.68 -13.90 22.65
CA ASN A 163 -10.46 -15.23 22.08
C ASN A 163 -9.93 -16.19 23.13
N PRO A 164 -10.83 -16.73 23.96
CA PRO A 164 -10.41 -17.75 24.94
C PRO A 164 -9.63 -18.89 24.34
N ASP A 165 -9.90 -19.26 23.08
CA ASP A 165 -9.18 -20.36 22.43
C ASP A 165 -7.82 -19.95 21.86
N ARG A 166 -7.43 -18.68 22.01
N ARG A 166 -7.43 -18.68 22.01
CA ARG A 166 -6.12 -18.18 21.55
CA ARG A 166 -6.13 -18.18 21.54
C ARG A 166 -5.96 -18.27 20.03
C ARG A 166 -5.95 -18.29 20.02
N GLN A 167 -7.05 -18.13 19.29
N GLN A 167 -7.06 -18.20 19.28
CA GLN A 167 -7.03 -18.08 17.83
CA GLN A 167 -7.05 -18.09 17.83
C GLN A 167 -7.70 -16.79 17.39
C GLN A 167 -7.66 -16.75 17.44
N ALA A 168 -7.09 -16.08 16.45
CA ALA A 168 -7.63 -14.81 15.99
C ALA A 168 -7.29 -14.63 14.52
N ASP A 169 -7.98 -13.68 13.87
CA ASP A 169 -7.61 -13.24 12.54
C ASP A 169 -6.82 -11.96 12.72
N LEU A 170 -5.52 -11.99 12.37
CA LEU A 170 -4.69 -10.79 12.50
C LEU A 170 -5.28 -9.60 11.73
N VAL A 171 -5.87 -9.85 10.56
CA VAL A 171 -6.29 -8.73 9.72
C VAL A 171 -7.44 -7.97 10.37
N SER A 172 -8.50 -8.66 10.74
CA SER A 172 -9.65 -7.96 11.28
C SER A 172 -9.42 -7.48 12.71
N GLU A 173 -8.50 -8.09 13.44
CA GLU A 173 -8.36 -7.78 14.87
C GLU A 173 -7.18 -6.87 15.19
N LEU A 174 -6.26 -6.65 14.26
CA LEU A 174 -5.13 -5.76 14.53
C LEU A 174 -4.72 -4.96 13.30
N ALA A 175 -4.31 -5.65 12.24
CA ALA A 175 -3.68 -4.96 11.10
C ALA A 175 -4.64 -4.00 10.42
N GLY A 176 -5.92 -4.38 10.31
CA GLY A 176 -6.92 -3.48 9.76
C GLY A 176 -7.30 -2.31 10.67
N PRO A 177 -7.71 -2.59 11.91
N PRO A 177 -7.73 -2.61 11.90
CA PRO A 177 -8.23 -1.51 12.76
CA PRO A 177 -8.22 -1.53 12.77
C PRO A 177 -7.19 -0.51 13.24
C PRO A 177 -7.18 -0.49 13.14
N LEU A 178 -5.90 -0.87 13.30
CA LEU A 178 -4.91 0.10 13.77
C LEU A 178 -4.72 1.26 12.82
N PRO A 179 -4.29 1.06 11.56
CA PRO A 179 -4.13 2.22 10.67
C PRO A 179 -5.44 2.91 10.35
N LEU A 180 -6.56 2.18 10.35
CA LEU A 180 -7.86 2.78 10.13
C LEU A 180 -8.14 3.85 11.18
N GLN A 181 -7.94 3.50 12.47
N GLN A 181 -7.97 3.50 12.46
CA GLN A 181 -8.19 4.45 13.55
CA GLN A 181 -8.32 4.42 13.52
C GLN A 181 -7.33 5.69 13.37
C GLN A 181 -7.36 5.61 13.59
N ILE A 182 -6.05 5.48 13.12
N ILE A 182 -6.13 5.44 13.12
CA ILE A 182 -5.11 6.61 13.12
CA ILE A 182 -5.18 6.54 13.13
C ILE A 182 -5.44 7.58 11.99
C ILE A 182 -5.47 7.55 12.02
N ILE A 183 -5.65 7.08 10.77
CA ILE A 183 -5.93 8.02 9.69
C ILE A 183 -7.30 8.67 9.87
N CYS A 184 -8.30 7.92 10.34
CA CYS A 184 -9.61 8.53 10.54
C CYS A 184 -9.54 9.61 11.60
N ASP A 185 -8.78 9.39 12.67
CA ASP A 185 -8.64 10.45 13.68
C ASP A 185 -7.90 11.65 13.11
N MET A 186 -6.86 11.44 12.31
CA MET A 186 -6.17 12.57 11.68
C MET A 186 -7.11 13.37 10.79
N MET A 187 -8.01 12.67 10.09
CA MET A 187 -8.97 13.35 9.21
C MET A 187 -10.07 14.05 9.98
N GLY A 188 -10.34 13.64 11.21
CA GLY A 188 -11.43 14.19 11.99
C GLY A 188 -12.73 13.44 11.80
N ILE A 189 -12.68 12.17 11.44
CA ILE A 189 -13.86 11.35 11.20
C ILE A 189 -14.30 10.77 12.54
N PRO A 190 -15.57 10.90 12.94
N PRO A 190 -15.56 10.90 12.94
CA PRO A 190 -16.03 10.33 14.20
CA PRO A 190 -15.98 10.34 14.23
C PRO A 190 -15.88 8.81 14.23
C PRO A 190 -15.92 8.82 14.25
N LYS A 191 -15.61 8.29 15.43
CA LYS A 191 -15.40 6.86 15.61
C LYS A 191 -16.55 6.01 15.08
N ALA A 192 -17.79 6.48 15.23
CA ALA A 192 -18.95 5.74 14.76
C ALA A 192 -18.91 5.43 13.27
N ASP A 193 -18.13 6.17 12.49
CA ASP A 193 -18.10 5.98 11.04
C ASP A 193 -16.85 5.25 10.57
N HIS A 194 -15.96 4.85 11.47
CA HIS A 194 -14.71 4.25 11.02
C HIS A 194 -14.95 2.96 10.24
N GLN A 195 -15.93 2.16 10.66
N GLN A 195 -15.93 2.17 10.68
CA GLN A 195 -16.15 0.90 9.95
CA GLN A 195 -16.25 0.91 10.02
C GLN A 195 -16.77 1.09 8.57
C GLN A 195 -16.73 1.13 8.59
N ARG A 196 -17.56 2.14 8.37
CA ARG A 196 -17.99 2.46 7.01
C ARG A 196 -16.81 2.86 6.15
N ILE A 197 -15.90 3.68 6.69
CA ILE A 197 -14.69 4.04 5.96
C ILE A 197 -13.89 2.80 5.56
N PHE A 198 -13.73 1.86 6.50
CA PHE A 198 -13.00 0.63 6.24
C PHE A 198 -13.60 -0.14 5.07
N HIS A 199 -14.92 -0.35 5.09
CA HIS A 199 -15.57 -1.07 3.99
C HIS A 199 -15.38 -0.34 2.66
N TRP A 200 -15.55 0.98 2.66
CA TRP A 200 -15.38 1.73 1.42
C TRP A 200 -13.96 1.59 0.88
N THR A 201 -12.95 1.75 1.76
N THR A 201 -12.96 1.70 1.74
CA THR A 201 -11.55 1.54 1.40
CA THR A 201 -11.61 1.61 1.20
C THR A 201 -11.38 0.20 0.72
C THR A 201 -11.29 0.19 0.75
N ASN A 202 -11.91 -0.84 1.35
CA ASN A 202 -11.70 -2.20 0.90
C ASN A 202 -12.25 -2.43 -0.49
N VAL A 203 -13.43 -1.88 -0.78
CA VAL A 203 -14.01 -2.03 -2.11
C VAL A 203 -13.22 -1.23 -3.14
N ILE A 204 -12.85 0.01 -2.80
N ILE A 204 -12.79 -0.02 -2.77
CA ILE A 204 -12.12 0.83 -3.75
CA ILE A 204 -12.11 0.87 -3.71
C ILE A 204 -10.82 0.16 -4.18
C ILE A 204 -10.76 0.30 -4.14
N LEU A 205 -10.07 -0.39 -3.23
CA LEU A 205 -8.78 -0.99 -3.55
C LEU A 205 -8.86 -2.48 -3.86
N GLY A 206 -9.99 -3.12 -3.61
CA GLY A 206 -10.11 -4.56 -3.82
C GLY A 206 -10.98 -4.94 -4.99
N PHE A 207 -11.39 -3.98 -5.81
CA PHE A 207 -12.33 -4.27 -6.88
C PHE A 207 -11.71 -5.28 -7.84
N GLY A 208 -12.53 -6.25 -8.26
CA GLY A 208 -12.09 -7.37 -9.05
C GLY A 208 -11.93 -8.65 -8.26
N ASP A 209 -11.73 -8.55 -6.95
CA ASP A 209 -11.75 -9.74 -6.12
C ASP A 209 -13.19 -10.03 -5.73
N PRO A 210 -13.73 -11.21 -6.05
CA PRO A 210 -15.13 -11.49 -5.73
C PRO A 210 -15.49 -11.39 -4.25
N ASP A 211 -14.52 -11.53 -3.35
CA ASP A 211 -14.81 -11.38 -1.93
C ASP A 211 -15.04 -9.93 -1.54
N LEU A 212 -14.64 -8.99 -2.38
CA LEU A 212 -14.81 -7.57 -2.11
C LEU A 212 -15.94 -7.00 -2.97
N ALA A 213 -15.74 -6.94 -4.28
CA ALA A 213 -16.76 -6.48 -5.21
C ALA A 213 -16.30 -6.77 -6.63
N THR A 214 -17.25 -7.13 -7.48
CA THR A 214 -16.98 -7.25 -8.91
C THR A 214 -17.99 -6.52 -9.78
N ASP A 215 -19.02 -5.91 -9.20
CA ASP A 215 -20.02 -5.16 -9.96
C ASP A 215 -19.59 -3.70 -9.99
N PHE A 216 -19.41 -3.14 -11.19
CA PHE A 216 -18.98 -1.75 -11.28
C PHE A 216 -19.99 -0.81 -10.64
N ASP A 217 -21.28 -1.17 -10.66
N ASP A 217 -21.28 -1.16 -10.65
CA ASP A 217 -22.27 -0.33 -9.98
CA ASP A 217 -22.25 -0.32 -9.97
C ASP A 217 -21.99 -0.22 -8.50
C ASP A 217 -21.96 -0.21 -8.49
N GLU A 218 -21.48 -1.30 -7.88
CA GLU A 218 -21.12 -1.25 -6.46
C GLU A 218 -19.88 -0.40 -6.24
N PHE A 219 -18.87 -0.55 -7.10
CA PHE A 219 -17.70 0.32 -7.01
C PHE A 219 -18.09 1.79 -7.08
N MET A 220 -18.97 2.12 -8.03
CA MET A 220 -19.38 3.52 -8.17
C MET A 220 -20.28 3.98 -7.03
N GLN A 221 -21.13 3.09 -6.50
CA GLN A 221 -21.95 3.48 -5.34
C GLN A 221 -21.08 3.77 -4.13
N VAL A 222 -20.08 2.91 -3.88
CA VAL A 222 -19.13 3.14 -2.79
C VAL A 222 -18.39 4.46 -3.00
N SER A 223 -17.89 4.69 -4.22
CA SER A 223 -17.17 5.93 -4.50
C SER A 223 -18.05 7.15 -4.26
N ALA A 224 -19.31 7.10 -4.72
CA ALA A 224 -20.23 8.21 -4.48
C ALA A 224 -20.54 8.39 -3.00
N ASP A 225 -20.66 7.28 -2.27
CA ASP A 225 -21.00 7.37 -0.86
C ASP A 225 -19.87 7.97 -0.05
N ILE A 226 -18.62 7.55 -0.30
CA ILE A 226 -17.51 8.16 0.43
C ILE A 226 -17.31 9.61 -0.01
N GLY A 227 -17.52 9.90 -1.30
CA GLY A 227 -17.45 11.27 -1.75
C GLY A 227 -18.48 12.16 -1.08
N ALA A 228 -19.70 11.66 -0.93
CA ALA A 228 -20.74 12.43 -0.25
C ALA A 228 -20.44 12.58 1.23
N TYR A 229 -19.86 11.54 1.84
CA TYR A 229 -19.44 11.64 3.23
C TYR A 229 -18.39 12.74 3.40
N ALA A 230 -17.40 12.76 2.51
CA ALA A 230 -16.36 13.76 2.55
C ALA A 230 -16.94 15.17 2.46
N THR A 231 -17.85 15.40 1.52
N THR A 231 -17.84 15.36 1.50
CA THR A 231 -18.32 16.78 1.36
CA THR A 231 -18.47 16.66 1.27
C THR A 231 -19.27 17.19 2.47
C THR A 231 -19.18 17.13 2.52
N ALA A 232 -19.98 16.25 3.12
CA ALA A 232 -20.77 16.62 4.29
C ALA A 232 -19.89 16.96 5.48
N LEU A 233 -18.83 16.18 5.70
CA LEU A 233 -17.91 16.51 6.77
C LEU A 233 -17.20 17.82 6.51
N ALA A 234 -16.77 18.03 5.26
CA ALA A 234 -16.13 19.28 4.90
C ALA A 234 -17.04 20.48 5.16
N GLU A 235 -18.32 20.33 4.81
N GLU A 235 -18.33 20.35 4.84
CA GLU A 235 -19.29 21.40 5.06
CA GLU A 235 -19.23 21.47 5.07
C GLU A 235 -19.38 21.73 6.54
C GLU A 235 -19.43 21.74 6.55
N ASP A 236 -19.39 20.71 7.39
CA ASP A 236 -19.41 20.93 8.84
C ASP A 236 -18.19 21.72 9.28
N ARG A 237 -17.00 21.32 8.78
CA ARG A 237 -15.76 21.94 9.22
C ARG A 237 -15.61 23.35 8.66
N ARG A 238 -16.23 23.64 7.51
N ARG A 238 -16.25 23.64 7.53
CA ARG A 238 -16.24 25.00 6.99
CA ARG A 238 -16.20 25.01 7.01
C ARG A 238 -16.89 25.95 7.98
C ARG A 238 -16.94 25.97 7.92
N VAL A 239 -17.97 25.50 8.61
CA VAL A 239 -18.73 26.35 9.53
C VAL A 239 -18.09 26.37 10.91
N ASN A 240 -17.57 25.22 11.38
CA ASN A 240 -16.93 25.12 12.70
C ASN A 240 -15.63 24.33 12.56
N HIS A 241 -14.51 25.05 12.61
CA HIS A 241 -13.19 24.45 12.46
C HIS A 241 -12.91 23.44 13.57
N HIS A 242 -12.26 22.34 13.20
CA HIS A 242 -11.60 21.46 14.17
C HIS A 242 -10.14 21.35 13.77
N ASP A 243 -9.30 20.90 14.72
N ASP A 243 -9.31 20.92 14.73
CA ASP A 243 -7.87 20.68 14.42
CA ASP A 243 -7.90 20.62 14.45
C ASP A 243 -7.69 19.31 13.74
C ASP A 243 -7.82 19.25 13.78
N ASP A 244 -8.13 19.23 12.48
CA ASP A 244 -8.10 17.98 11.73
C ASP A 244 -7.78 18.29 10.27
N LEU A 245 -7.47 17.23 9.50
CA LEU A 245 -7.09 17.46 8.11
C LEU A 245 -8.26 17.89 7.24
N THR A 246 -9.48 17.44 7.57
CA THR A 246 -10.62 17.87 6.77
C THR A 246 -10.77 19.39 6.86
N SER A 247 -10.55 19.96 8.05
CA SER A 247 -10.60 21.41 8.17
C SER A 247 -9.50 22.05 7.37
N SER A 248 -8.30 21.46 7.37
N SER A 248 -8.29 21.48 7.40
CA SER A 248 -7.21 22.03 6.58
CA SER A 248 -7.21 22.03 6.56
C SER A 248 -7.55 22.03 5.09
C SER A 248 -7.62 22.07 5.10
N LEU A 249 -8.25 21.00 4.62
CA LEU A 249 -8.64 20.93 3.21
C LEU A 249 -9.63 22.03 2.84
N VAL A 250 -10.64 22.28 3.69
N VAL A 250 -10.62 22.28 3.70
CA VAL A 250 -11.65 23.26 3.32
CA VAL A 250 -11.69 23.23 3.37
C VAL A 250 -11.17 24.68 3.47
C VAL A 250 -11.25 24.67 3.57
N GLU A 251 -10.17 24.90 4.32
CA GLU A 251 -9.65 26.25 4.56
C GLU A 251 -8.59 26.65 3.57
N ALA A 252 -8.03 25.70 2.82
CA ALA A 252 -6.87 25.97 1.98
C ALA A 252 -7.27 26.73 0.72
N GLU A 253 -6.28 27.41 0.13
CA GLU A 253 -6.39 27.98 -1.21
C GLU A 253 -5.22 27.51 -2.05
N VAL A 254 -5.49 27.22 -3.33
CA VAL A 254 -4.46 26.94 -4.32
C VAL A 254 -4.65 27.95 -5.45
N ASP A 255 -3.58 28.67 -5.79
CA ASP A 255 -3.67 29.71 -6.81
C ASP A 255 -4.79 30.70 -6.50
N GLY A 256 -4.98 31.00 -5.22
CA GLY A 256 -5.97 31.97 -4.80
C GLY A 256 -7.40 31.48 -4.72
N GLU A 257 -7.65 30.20 -4.91
CA GLU A 257 -9.02 29.68 -4.90
C GLU A 257 -9.14 28.49 -3.96
N ARG A 258 -10.27 28.44 -3.25
N ARG A 258 -10.27 28.43 -3.26
CA ARG A 258 -10.57 27.27 -2.43
CA ARG A 258 -10.58 27.28 -2.43
C ARG A 258 -10.76 26.05 -3.33
C ARG A 258 -10.78 26.05 -3.32
N LEU A 259 -10.56 24.87 -2.73
CA LEU A 259 -10.79 23.62 -3.44
C LEU A 259 -12.28 23.45 -3.74
N SER A 260 -12.57 22.90 -4.93
CA SER A 260 -13.95 22.58 -5.29
C SER A 260 -14.42 21.33 -4.54
N SER A 261 -15.71 21.03 -4.67
N SER A 261 -15.72 21.06 -4.62
CA SER A 261 -16.26 19.81 -4.07
CA SER A 261 -16.24 19.86 -3.97
C SER A 261 -15.55 18.56 -4.58
C SER A 261 -15.63 18.59 -4.56
N ARG A 262 -15.33 18.48 -5.90
N ARG A 262 -15.34 18.60 -5.86
CA ARG A 262 -14.63 17.32 -6.45
CA ARG A 262 -14.68 17.46 -6.49
C ARG A 262 -13.20 17.24 -5.95
C ARG A 262 -13.27 17.28 -5.95
N GLU A 263 -12.53 18.39 -5.81
CA GLU A 263 -11.17 18.36 -5.30
C GLU A 263 -11.13 17.93 -3.84
N ILE A 264 -12.08 18.42 -3.03
N ILE A 264 -12.08 18.41 -3.03
CA ILE A 264 -12.16 18.00 -1.63
CA ILE A 264 -12.14 17.99 -1.63
C ILE A 264 -12.44 16.51 -1.54
C ILE A 264 -12.44 16.49 -1.53
N ALA A 265 -13.46 16.03 -2.26
CA ALA A 265 -13.79 14.61 -2.23
C ALA A 265 -12.60 13.76 -2.64
N SER A 266 -11.96 14.13 -3.76
N SER A 266 -11.94 14.14 -3.74
CA SER A 266 -10.82 13.36 -4.24
CA SER A 266 -10.82 13.32 -4.22
C SER A 266 -9.66 13.35 -3.23
C SER A 266 -9.63 13.36 -3.25
N PHE A 267 -9.40 14.49 -2.60
CA PHE A 267 -8.29 14.57 -1.64
C PHE A 267 -8.61 13.73 -0.40
N PHE A 268 -9.85 13.83 0.10
CA PHE A 268 -10.28 13.05 1.26
C PHE A 268 -10.19 11.56 0.97
N ILE A 269 -10.69 11.13 -0.18
CA ILE A 269 -10.64 9.72 -0.58
C ILE A 269 -9.20 9.25 -0.69
N LEU A 270 -8.34 10.04 -1.33
CA LEU A 270 -6.93 9.68 -1.44
C LEU A 270 -6.32 9.42 -0.07
N LEU A 271 -6.52 10.35 0.86
CA LEU A 271 -5.85 10.25 2.16
C LEU A 271 -6.38 9.07 2.96
N VAL A 272 -7.71 8.89 2.99
N VAL A 272 -7.71 8.87 2.99
CA VAL A 272 -8.28 7.84 3.81
CA VAL A 272 -8.24 7.81 3.84
C VAL A 272 -7.96 6.46 3.24
C VAL A 272 -8.00 6.42 3.25
N VAL A 273 -8.09 6.30 1.92
CA VAL A 273 -7.86 5.00 1.29
C VAL A 273 -6.38 4.66 1.33
N ALA A 274 -5.52 5.61 0.96
CA ALA A 274 -4.08 5.36 1.05
C ALA A 274 -3.66 5.12 2.49
N GLY A 275 -4.28 5.84 3.42
N GLY A 275 -4.34 5.73 3.46
CA GLY A 275 -3.80 5.89 4.77
CA GLY A 275 -3.97 5.54 4.85
C GLY A 275 -4.06 4.66 5.59
C GLY A 275 -4.43 4.23 5.48
N ASN A 276 -4.75 3.64 5.06
N ASN A 276 -5.43 3.57 4.89
CA ASN A 276 -4.93 2.45 5.90
CA ASN A 276 -6.03 2.41 5.55
C ASN A 276 -4.61 1.09 5.26
C ASN A 276 -5.32 1.10 5.22
N GLU A 277 -5.06 0.85 4.02
N GLU A 277 -5.07 0.84 3.94
CA GLU A 277 -4.96 -0.48 3.41
CA GLU A 277 -4.98 -0.55 3.50
C GLU A 277 -3.53 -0.99 3.39
C GLU A 277 -3.55 -1.06 3.27
N THR A 278 -2.64 -0.23 2.77
CA THR A 278 -1.28 -0.73 2.55
C THR A 278 -0.54 -0.95 3.85
N THR A 279 -0.76 -0.11 4.88
CA THR A 279 -0.10 -0.34 6.16
C THR A 279 -0.62 -1.62 6.79
N ARG A 280 -1.94 -1.83 6.72
CA ARG A 280 -2.55 -3.08 7.15
C ARG A 280 -1.83 -4.27 6.52
N ASN A 281 -1.64 -4.21 5.19
CA ASN A 281 -1.02 -5.34 4.50
C ASN A 281 0.45 -5.48 4.84
N ALA A 282 1.17 -4.38 5.06
CA ALA A 282 2.57 -4.51 5.50
C ALA A 282 2.64 -5.26 6.83
N ILE A 283 1.76 -4.92 7.76
CA ILE A 283 1.76 -5.62 9.05
C ILE A 283 1.46 -7.11 8.84
N THR A 284 0.44 -7.44 8.03
CA THR A 284 0.08 -8.84 7.88
C THR A 284 1.17 -9.62 7.18
N HIS A 285 1.73 -9.07 6.10
N HIS A 285 1.72 -9.07 6.09
CA HIS A 285 2.85 -9.72 5.44
CA HIS A 285 2.85 -9.72 5.43
C HIS A 285 4.04 -9.87 6.38
C HIS A 285 4.05 -9.85 6.36
N GLY A 286 4.26 -8.87 7.24
CA GLY A 286 5.33 -8.98 8.21
C GLY A 286 5.14 -10.14 9.18
N VAL A 287 3.93 -10.33 9.69
CA VAL A 287 3.67 -11.46 10.59
C VAL A 287 3.84 -12.78 9.86
N LEU A 288 3.39 -12.85 8.61
CA LEU A 288 3.60 -14.04 7.80
C LEU A 288 5.09 -14.34 7.65
N ALA A 289 5.89 -13.30 7.35
CA ALA A 289 7.33 -13.50 7.19
C ALA A 289 7.97 -13.93 8.50
N LEU A 290 7.62 -13.30 9.63
CA LEU A 290 8.18 -13.76 10.90
C LEU A 290 7.82 -15.21 11.17
N SER A 291 6.61 -15.63 10.75
CA SER A 291 6.18 -17.01 10.95
C SER A 291 7.00 -17.97 10.12
N ARG A 292 7.36 -17.57 8.89
CA ARG A 292 8.17 -18.43 8.02
C ARG A 292 9.65 -18.42 8.40
N TYR A 293 10.12 -17.34 9.03
CA TYR A 293 11.55 -17.14 9.29
C TYR A 293 11.74 -16.82 10.77
N PRO A 294 11.58 -17.81 11.64
CA PRO A 294 11.58 -17.53 13.09
C PRO A 294 12.88 -16.99 13.62
N GLU A 295 14.01 -17.28 12.97
N GLU A 295 14.02 -17.29 12.98
CA GLU A 295 15.27 -16.69 13.42
CA GLU A 295 15.27 -16.68 13.44
C GLU A 295 15.27 -15.17 13.27
C GLU A 295 15.24 -15.16 13.29
N GLN A 296 14.55 -14.65 12.27
CA GLN A 296 14.42 -13.19 12.16
C GLN A 296 13.54 -12.63 13.26
N ARG A 297 12.44 -13.31 13.60
N ARG A 297 12.46 -13.33 13.60
CA ARG A 297 11.64 -12.89 14.74
CA ARG A 297 11.62 -12.91 14.71
C ARG A 297 12.51 -12.80 15.97
C ARG A 297 12.42 -12.87 16.01
N ASP A 298 13.28 -13.87 16.22
CA ASP A 298 14.09 -13.92 17.45
C ASP A 298 15.06 -12.75 17.51
N ARG A 299 15.71 -12.45 16.39
CA ARG A 299 16.73 -11.39 16.44
C ARG A 299 16.09 -10.02 16.65
N TRP A 300 14.89 -9.80 16.11
CA TRP A 300 14.19 -8.54 16.36
C TRP A 300 13.71 -8.47 17.81
N TRP A 301 13.12 -9.56 18.30
CA TRP A 301 12.61 -9.56 19.66
C TRP A 301 13.72 -9.33 20.70
N SER A 302 14.93 -9.79 20.43
N SER A 302 14.94 -9.80 20.40
CA SER A 302 16.00 -9.63 21.41
CA SER A 302 16.06 -9.67 21.33
C SER A 302 16.74 -8.30 21.30
C SER A 302 16.63 -8.26 21.37
N ASP A 303 16.42 -7.47 20.30
CA ASP A 303 16.95 -6.10 20.23
C ASP A 303 15.94 -5.26 19.45
N PHE A 304 14.79 -5.00 20.06
CA PHE A 304 13.69 -4.46 19.28
C PHE A 304 14.01 -3.06 18.77
N ASP A 305 14.43 -2.18 19.67
CA ASP A 305 14.67 -0.80 19.27
C ASP A 305 15.88 -0.68 18.35
N GLY A 306 16.89 -1.52 18.57
CA GLY A 306 18.09 -1.43 17.75
C GLY A 306 17.83 -1.88 16.33
N LEU A 307 17.03 -2.92 16.15
N LEU A 307 17.01 -2.91 16.16
CA LEU A 307 16.77 -3.42 14.80
CA LEU A 307 16.74 -3.47 14.83
C LEU A 307 15.56 -2.78 14.14
C LEU A 307 15.53 -2.85 14.16
N ALA A 308 14.67 -2.13 14.88
CA ALA A 308 13.41 -1.66 14.31
C ALA A 308 13.55 -0.83 13.02
N PRO A 309 14.51 0.10 12.90
N PRO A 309 14.49 0.12 12.92
CA PRO A 309 14.58 0.89 11.66
CA PRO A 309 14.57 0.87 11.66
C PRO A 309 14.84 0.05 10.42
C PRO A 309 14.75 -0.03 10.45
N THR A 310 15.75 -0.92 10.50
CA THR A 310 15.99 -1.79 9.36
C THR A 310 14.92 -2.86 9.22
N ALA A 311 14.32 -3.30 10.33
CA ALA A 311 13.33 -4.36 10.26
C ALA A 311 12.08 -3.85 9.54
N VAL A 312 11.61 -2.66 9.89
CA VAL A 312 10.44 -2.09 9.24
C VAL A 312 10.68 -1.93 7.74
N GLU A 313 11.86 -1.45 7.35
N GLU A 313 11.86 -1.45 7.35
CA GLU A 313 12.11 -1.23 5.93
CA GLU A 313 12.14 -1.25 5.93
C GLU A 313 12.20 -2.56 5.19
C GLU A 313 12.19 -2.58 5.19
N GLU A 314 12.76 -3.59 5.84
N GLU A 314 12.77 -3.62 5.82
CA GLU A 314 12.79 -4.90 5.20
CA GLU A 314 12.80 -4.93 5.19
C GLU A 314 11.40 -5.48 5.04
C GLU A 314 11.41 -5.53 5.06
N ILE A 315 10.51 -5.27 6.01
CA ILE A 315 9.13 -5.71 5.84
C ILE A 315 8.49 -5.04 4.63
N VAL A 316 8.74 -3.73 4.43
CA VAL A 316 8.16 -3.04 3.28
C VAL A 316 8.76 -3.55 1.97
N ARG A 317 10.09 -3.75 1.92
CA ARG A 317 10.70 -4.31 0.72
C ARG A 317 10.12 -5.67 0.40
N TRP A 318 9.98 -6.50 1.43
CA TRP A 318 9.53 -7.88 1.23
C TRP A 318 8.09 -7.90 0.77
N ALA A 319 7.23 -7.09 1.41
CA ALA A 319 5.80 -7.11 1.10
C ALA A 319 5.45 -6.35 -0.16
N SER A 320 6.22 -5.29 -0.51
CA SER A 320 5.88 -4.35 -1.59
C SER A 320 4.37 -4.14 -1.70
N PRO A 321 3.78 -3.48 -0.69
CA PRO A 321 2.31 -3.42 -0.61
C PRO A 321 1.65 -2.77 -1.83
N VAL A 322 2.31 -1.80 -2.47
CA VAL A 322 1.88 -1.25 -3.75
C VAL A 322 2.70 -1.96 -4.83
N VAL A 323 2.01 -2.71 -5.68
CA VAL A 323 2.68 -3.56 -6.66
C VAL A 323 3.29 -2.73 -7.79
N TYR A 324 2.53 -1.77 -8.31
CA TYR A 324 2.96 -0.94 -9.41
C TYR A 324 2.33 0.44 -9.29
N MET A 325 2.88 1.40 -10.04
CA MET A 325 2.20 2.63 -10.42
C MET A 325 2.41 2.88 -11.90
N ARG A 326 1.40 3.52 -12.53
N ARG A 326 1.41 3.52 -12.53
N ARG A 326 1.43 3.52 -12.53
CA ARG A 326 1.45 3.85 -13.95
CA ARG A 326 1.45 3.85 -13.95
CA ARG A 326 1.50 3.79 -13.96
C ARG A 326 1.93 5.29 -14.16
C ARG A 326 1.93 5.29 -14.16
C ARG A 326 1.85 5.27 -14.21
N ARG A 327 2.53 5.52 -15.32
CA ARG A 327 2.88 6.85 -15.81
C ARG A 327 2.49 6.88 -17.28
N THR A 328 2.52 8.07 -17.87
CA THR A 328 2.19 8.24 -19.29
C THR A 328 3.28 9.12 -19.89
N LEU A 329 3.83 8.69 -21.02
CA LEU A 329 4.95 9.43 -21.61
C LEU A 329 4.49 10.74 -22.24
N THR A 330 5.26 11.81 -21.99
CA THR A 330 5.00 13.09 -22.66
C THR A 330 5.85 13.28 -23.90
N GLN A 331 6.83 12.41 -24.13
CA GLN A 331 7.71 12.47 -25.28
C GLN A 331 8.23 11.06 -25.55
N ASP A 332 8.73 10.86 -26.77
CA ASP A 332 9.34 9.57 -27.10
C ASP A 332 10.59 9.38 -26.28
N ILE A 333 10.87 8.13 -25.92
N ILE A 333 10.83 8.14 -25.85
CA ILE A 333 12.11 7.76 -25.24
CA ILE A 333 12.04 7.80 -25.08
C ILE A 333 12.56 6.41 -25.74
C ILE A 333 12.39 6.35 -25.33
N GLU A 334 13.77 6.04 -25.34
N GLU A 334 13.69 6.07 -25.37
CA GLU A 334 14.29 4.69 -25.53
CA GLU A 334 14.21 4.71 -25.51
C GLU A 334 14.98 4.26 -24.26
C GLU A 334 14.91 4.30 -24.22
N LEU A 335 14.57 3.10 -23.72
CA LEU A 335 15.23 2.49 -22.57
C LEU A 335 15.55 1.05 -22.91
N ARG A 336 16.80 0.62 -22.66
CA ARG A 336 17.23 -0.75 -22.91
C ARG A 336 16.95 -1.20 -24.35
N GLY A 337 17.13 -0.28 -25.29
CA GLY A 337 16.88 -0.59 -26.67
C GLY A 337 15.43 -0.69 -27.07
N THR A 338 14.51 -0.37 -26.16
CA THR A 338 13.07 -0.41 -26.45
C THR A 338 12.58 1.02 -26.62
N LYS A 339 12.15 1.35 -27.83
CA LYS A 339 11.56 2.65 -28.10
C LYS A 339 10.13 2.68 -27.61
N MET A 340 9.79 3.74 -26.89
N MET A 340 9.78 3.74 -26.88
CA MET A 340 8.44 3.96 -26.38
CA MET A 340 8.44 3.95 -26.36
C MET A 340 8.01 5.34 -26.83
C MET A 340 7.99 5.34 -26.79
N ALA A 341 6.73 5.48 -27.16
CA ALA A 341 6.25 6.70 -27.81
C ALA A 341 5.51 7.63 -26.85
N ALA A 342 5.58 8.92 -27.14
CA ALA A 342 4.75 9.89 -26.43
C ALA A 342 3.30 9.43 -26.42
N GLY A 343 2.67 9.50 -25.24
CA GLY A 343 1.32 9.04 -25.06
C GLY A 343 1.19 7.60 -24.59
N ASP A 344 2.25 6.81 -24.69
CA ASP A 344 2.19 5.41 -24.22
C ASP A 344 2.15 5.33 -22.69
N LYS A 345 1.45 4.30 -22.21
CA LYS A 345 1.43 3.97 -20.78
C LYS A 345 2.68 3.21 -20.39
N VAL A 346 3.18 3.47 -19.19
N VAL A 346 3.20 3.50 -19.20
CA VAL A 346 4.37 2.82 -18.64
CA VAL A 346 4.34 2.83 -18.62
C VAL A 346 4.06 2.41 -17.21
C VAL A 346 3.94 2.37 -17.23
N SER A 347 4.27 1.12 -16.89
CA SER A 347 4.00 0.60 -15.56
C SER A 347 5.32 0.34 -14.82
N LEU A 348 5.36 0.74 -13.54
N LEU A 348 5.38 0.78 -13.57
CA LEU A 348 6.57 0.70 -12.72
CA LEU A 348 6.59 0.69 -12.74
C LEU A 348 6.37 -0.39 -11.68
C LEU A 348 6.34 -0.41 -11.72
N TRP A 349 7.06 -1.52 -11.84
CA TRP A 349 6.78 -2.70 -10.99
C TRP A 349 7.69 -2.71 -9.76
N TYR A 350 7.19 -2.07 -8.68
CA TYR A 350 7.96 -2.00 -7.44
C TYR A 350 8.24 -3.40 -6.89
N CYS A 351 7.27 -4.31 -7.04
CA CYS A 351 7.46 -5.67 -6.54
C CYS A 351 8.68 -6.32 -7.16
N SER A 352 8.97 -5.98 -8.42
CA SER A 352 10.10 -6.54 -9.14
C SER A 352 11.39 -5.77 -8.85
N ALA A 353 11.31 -4.44 -8.83
CA ALA A 353 12.48 -3.66 -8.44
C ALA A 353 13.02 -4.13 -7.10
N ASN A 354 12.12 -4.50 -6.17
CA ASN A 354 12.49 -4.90 -4.82
C ASN A 354 13.04 -6.32 -4.73
N ARG A 355 13.25 -6.98 -5.87
CA ARG A 355 13.96 -8.25 -5.92
C ARG A 355 15.10 -8.20 -6.92
N ASP A 356 15.48 -7.02 -7.39
CA ASP A 356 16.42 -6.92 -8.51
C ASP A 356 17.83 -7.21 -8.02
N GLU A 357 18.44 -8.27 -8.55
N GLU A 357 18.42 -8.28 -8.55
CA GLU A 357 19.77 -8.64 -8.07
CA GLU A 357 19.77 -8.71 -8.17
C GLU A 357 20.86 -7.69 -8.55
C GLU A 357 20.81 -7.64 -8.50
N SER A 358 20.55 -6.78 -9.48
CA SER A 358 21.50 -5.74 -9.83
C SER A 358 21.64 -4.70 -8.73
N LYS A 359 20.66 -4.59 -7.85
N LYS A 359 20.66 -4.60 -7.84
CA LYS A 359 20.67 -3.60 -6.78
CA LYS A 359 20.67 -3.60 -6.78
C LYS A 359 20.84 -4.20 -5.39
C LYS A 359 20.80 -4.18 -5.38
N PHE A 360 20.22 -5.34 -5.13
CA PHE A 360 20.22 -5.94 -3.80
C PHE A 360 21.12 -7.15 -3.77
N ALA A 361 22.03 -7.17 -2.79
CA ALA A 361 22.70 -8.41 -2.44
C ALA A 361 21.69 -9.37 -1.84
N ASP A 362 21.69 -10.60 -2.31
N ASP A 362 21.65 -10.59 -2.34
CA ASP A 362 20.84 -11.66 -1.77
CA ASP A 362 20.84 -11.65 -1.77
C ASP A 362 19.37 -11.23 -1.66
C ASP A 362 19.37 -11.23 -1.66
N PRO A 363 18.73 -10.88 -2.78
CA PRO A 363 17.35 -10.34 -2.70
C PRO A 363 16.33 -11.31 -2.14
N TRP A 364 16.60 -12.61 -2.17
CA TRP A 364 15.65 -13.61 -1.70
C TRP A 364 15.84 -13.90 -0.22
N THR A 365 16.72 -13.17 0.45
CA THR A 365 16.88 -13.30 1.89
C THR A 365 16.08 -12.20 2.59
N PHE A 366 15.23 -12.61 3.53
CA PHE A 366 14.46 -11.70 4.38
C PHE A 366 15.36 -11.42 5.58
N ASP A 367 15.97 -10.23 5.60
N ASP A 367 15.99 -10.24 5.58
CA ASP A 367 17.04 -9.90 6.54
CA ASP A 367 17.01 -9.91 6.57
C ASP A 367 16.64 -8.64 7.30
C ASP A 367 16.61 -8.65 7.29
N LEU A 368 16.18 -8.77 8.54
CA LEU A 368 15.70 -7.61 9.27
C LEU A 368 16.79 -6.63 9.65
N ALA A 369 18.07 -7.00 9.47
CA ALA A 369 19.20 -6.09 9.66
C ALA A 369 19.68 -5.47 8.35
N ARG A 370 18.96 -5.69 7.24
CA ARG A 370 19.48 -5.33 5.92
C ARG A 370 19.86 -3.85 5.87
N ASN A 371 21.10 -3.58 5.47
N ASN A 371 21.10 -3.59 5.49
CA ASN A 371 21.62 -2.23 5.44
CA ASN A 371 21.58 -2.23 5.41
C ASN A 371 22.78 -2.22 4.44
C ASN A 371 22.77 -2.20 4.46
N PRO A 372 22.73 -1.38 3.40
CA PRO A 372 21.64 -0.45 3.08
C PRO A 372 20.43 -1.20 2.54
N ASN A 373 19.33 -0.49 2.39
CA ASN A 373 18.10 -1.08 1.87
C ASN A 373 17.37 -0.04 1.06
N PRO A 374 17.81 0.19 -0.17
CA PRO A 374 17.24 1.24 -1.02
C PRO A 374 15.96 0.82 -1.74
N HIS A 375 15.08 0.15 -1.02
CA HIS A 375 13.88 -0.39 -1.65
C HIS A 375 12.97 0.72 -2.17
N LEU A 376 12.16 0.34 -3.16
CA LEU A 376 11.20 1.23 -3.81
C LEU A 376 9.77 0.94 -3.35
N GLY A 377 9.61 0.41 -2.14
CA GLY A 377 8.26 0.13 -1.65
C GLY A 377 7.38 1.35 -1.52
N PHE A 378 7.99 2.51 -1.23
CA PHE A 378 7.30 3.80 -1.19
C PHE A 378 7.50 4.58 -2.48
N GLY A 379 7.94 3.89 -3.54
CA GLY A 379 8.24 4.48 -4.83
C GLY A 379 9.72 4.77 -5.00
N GLY A 380 10.04 5.26 -6.20
CA GLY A 380 11.41 5.59 -6.56
C GLY A 380 11.93 6.92 -6.07
N GLY A 381 11.15 7.66 -5.31
CA GLY A 381 11.55 8.97 -4.85
C GLY A 381 11.07 10.04 -5.80
N GLY A 382 11.35 11.28 -5.41
CA GLY A 382 10.94 12.42 -6.21
C GLY A 382 9.59 12.98 -5.81
N ALA A 383 8.87 13.52 -6.81
CA ALA A 383 7.76 14.43 -6.53
C ALA A 383 6.61 13.76 -5.80
N HIS A 384 6.33 12.48 -6.08
CA HIS A 384 5.17 11.82 -5.51
C HIS A 384 5.54 10.83 -4.40
N PHE A 385 6.77 10.90 -3.87
CA PHE A 385 7.19 9.95 -2.84
C PHE A 385 6.13 9.87 -1.74
N CYS A 386 5.76 8.65 -1.33
CA CYS A 386 4.63 8.42 -0.44
C CYS A 386 4.53 9.45 0.68
N LEU A 387 3.42 10.20 0.69
CA LEU A 387 3.21 11.19 1.74
C LEU A 387 3.15 10.52 3.12
N GLY A 388 2.64 9.30 3.18
CA GLY A 388 2.45 8.62 4.44
C GLY A 388 3.60 7.77 4.92
N ALA A 389 4.79 7.86 4.31
CA ALA A 389 5.84 6.89 4.63
C ALA A 389 6.23 6.95 6.11
N ASN A 390 6.35 8.15 6.67
CA ASN A 390 6.73 8.24 8.08
C ASN A 390 5.64 7.68 8.98
N LEU A 391 4.38 7.99 8.68
CA LEU A 391 3.27 7.42 9.45
C LEU A 391 3.24 5.90 9.35
N ALA A 392 3.39 5.36 8.13
CA ALA A 392 3.36 3.91 7.97
C ALA A 392 4.49 3.23 8.75
N ARG A 393 5.71 3.77 8.65
N ARG A 393 5.70 3.79 8.68
CA ARG A 393 6.83 3.19 9.39
CA ARG A 393 6.84 3.20 9.38
C ARG A 393 6.54 3.13 10.88
C ARG A 393 6.62 3.18 10.88
N ARG A 394 5.96 4.21 11.41
CA ARG A 394 5.71 4.27 12.84
C ARG A 394 4.63 3.28 13.24
N GLU A 395 3.56 3.18 12.45
N GLU A 395 3.57 3.16 12.44
CA GLU A 395 2.49 2.23 12.74
CA GLU A 395 2.50 2.22 12.78
C GLU A 395 3.00 0.80 12.71
C GLU A 395 2.98 0.78 12.70
N ILE A 396 3.80 0.46 11.69
CA ILE A 396 4.36 -0.90 11.60
C ILE A 396 5.21 -1.19 12.83
N ARG A 397 6.11 -0.27 13.18
N ARG A 397 6.13 -0.28 13.16
N ARG A 397 6.10 -0.26 13.17
CA ARG A 397 6.98 -0.51 14.33
CA ARG A 397 6.98 -0.52 14.33
CA ARG A 397 6.99 -0.45 14.31
C ARG A 397 6.19 -0.72 15.60
C ARG A 397 6.14 -0.77 15.58
C ARG A 397 6.20 -0.70 15.60
N VAL A 398 5.16 0.10 15.83
CA VAL A 398 4.38 -0.04 17.07
C VAL A 398 3.59 -1.33 17.08
N ALA A 399 3.00 -1.71 15.94
CA ALA A 399 2.23 -2.95 15.90
C ALA A 399 3.11 -4.14 16.31
N PHE A 400 4.33 -4.22 15.75
CA PHE A 400 5.20 -5.33 16.11
C PHE A 400 5.70 -5.26 17.53
N ASP A 401 5.93 -4.04 18.05
N ASP A 401 5.93 -4.05 18.06
CA ASP A 401 6.38 -3.92 19.43
CA ASP A 401 6.35 -3.95 19.44
C ASP A 401 5.31 -4.40 20.39
C ASP A 401 5.25 -4.44 20.39
N GLU A 402 4.04 -4.12 20.08
N GLU A 402 4.00 -4.08 20.10
CA GLU A 402 2.95 -4.55 20.96
CA GLU A 402 2.88 -4.55 20.93
C GLU A 402 2.71 -6.06 20.86
C GLU A 402 2.75 -6.06 20.86
N LEU A 403 2.88 -6.65 19.67
CA LEU A 403 2.85 -8.11 19.55
C LEU A 403 3.98 -8.73 20.36
N ARG A 404 5.20 -8.19 20.21
CA ARG A 404 6.35 -8.73 20.92
C ARG A 404 6.11 -8.71 22.41
N ARG A 405 5.57 -7.60 22.93
N ARG A 405 5.55 -7.61 22.92
CA ARG A 405 5.49 -7.46 24.37
CA ARG A 405 5.45 -7.44 24.36
C ARG A 405 4.39 -8.33 24.96
C ARG A 405 4.34 -8.29 24.96
N GLN A 406 3.23 -8.41 24.30
N GLN A 406 3.19 -8.42 24.27
CA GLN A 406 2.06 -9.08 24.85
CA GLN A 406 2.00 -9.06 24.83
C GLN A 406 1.91 -10.53 24.43
C GLN A 406 1.81 -10.50 24.39
N MET A 407 2.28 -10.88 23.21
CA MET A 407 2.10 -12.24 22.70
C MET A 407 3.29 -12.60 21.82
N PRO A 408 4.48 -12.71 22.41
CA PRO A 408 5.71 -12.77 21.60
C PRO A 408 5.77 -13.96 20.67
N ASP A 409 5.08 -15.06 20.94
CA ASP A 409 5.12 -16.22 20.06
C ASP A 409 3.99 -16.24 19.04
N VAL A 410 3.30 -15.12 18.82
CA VAL A 410 2.22 -15.08 17.84
C VAL A 410 2.70 -15.60 16.50
N VAL A 411 1.91 -16.47 15.88
CA VAL A 411 2.35 -17.11 14.64
C VAL A 411 1.14 -17.42 13.78
N ALA A 412 1.33 -17.34 12.46
N ALA A 412 1.33 -17.32 12.47
CA ALA A 412 0.26 -17.71 11.54
CA ALA A 412 0.27 -17.72 11.54
C ALA A 412 0.02 -19.21 11.56
C ALA A 412 0.01 -19.22 11.63
N THR A 413 -1.25 -19.60 11.51
CA THR A 413 -1.64 -21.01 11.54
C THR A 413 -2.25 -21.49 10.25
N GLU A 414 -2.54 -20.59 9.31
CA GLU A 414 -2.98 -20.97 7.98
C GLU A 414 -2.31 -20.04 6.99
N GLU A 415 -2.12 -20.53 5.77
CA GLU A 415 -1.64 -19.66 4.72
C GLU A 415 -2.67 -18.56 4.46
N PRO A 416 -2.23 -17.37 4.05
CA PRO A 416 -3.15 -16.24 3.89
C PRO A 416 -4.17 -16.45 2.78
N ALA A 417 -5.35 -15.88 2.98
CA ALA A 417 -6.26 -15.66 1.86
C ALA A 417 -5.81 -14.38 1.17
N ARG A 418 -5.33 -14.49 -0.06
N ARG A 418 -5.32 -14.50 -0.06
CA ARG A 418 -4.69 -13.37 -0.73
CA ARG A 418 -4.70 -13.39 -0.76
C ARG A 418 -5.67 -12.59 -1.59
C ARG A 418 -5.73 -12.59 -1.55
N LEU A 419 -5.61 -11.26 -1.49
CA LEU A 419 -6.41 -10.38 -2.33
C LEU A 419 -6.08 -10.61 -3.80
N LEU A 420 -7.10 -10.72 -4.65
CA LEU A 420 -6.89 -10.83 -6.09
C LEU A 420 -6.77 -9.40 -6.64
N SER A 421 -5.53 -8.96 -6.90
CA SER A 421 -5.29 -7.59 -7.35
C SER A 421 -3.95 -7.51 -8.07
N GLN A 422 -3.91 -6.72 -9.14
CA GLN A 422 -2.67 -6.36 -9.80
C GLN A 422 -1.98 -5.16 -9.15
N PHE A 423 -2.70 -4.38 -8.33
CA PHE A 423 -2.25 -3.08 -7.83
C PHE A 423 -1.80 -3.13 -6.37
N ILE A 424 -2.49 -3.92 -5.55
CA ILE A 424 -2.26 -3.96 -4.10
C ILE A 424 -1.90 -5.39 -3.72
N HIS A 425 -0.84 -5.56 -2.92
N HIS A 425 -0.81 -5.56 -2.98
CA HIS A 425 -0.42 -6.89 -2.48
CA HIS A 425 -0.43 -6.89 -2.50
C HIS A 425 -1.07 -7.12 -1.12
C HIS A 425 -1.11 -7.04 -1.15
N GLY A 426 -2.26 -7.71 -1.12
CA GLY A 426 -3.12 -7.71 0.04
C GLY A 426 -3.38 -9.09 0.61
N ILE A 427 -3.67 -9.11 1.90
CA ILE A 427 -4.09 -10.33 2.58
C ILE A 427 -5.44 -10.05 3.22
N LYS A 428 -6.43 -10.87 2.88
CA LYS A 428 -7.77 -10.67 3.40
C LYS A 428 -7.94 -11.25 4.80
N THR A 429 -7.27 -12.37 5.10
N THR A 429 -7.33 -12.41 5.07
CA THR A 429 -7.40 -13.07 6.36
CA THR A 429 -7.39 -13.04 6.38
C THR A 429 -6.09 -13.79 6.66
C THR A 429 -6.05 -13.73 6.65
N LEU A 430 -5.65 -13.73 7.92
CA LEU A 430 -4.46 -14.45 8.36
C LEU A 430 -4.73 -14.98 9.77
N PRO A 431 -5.15 -16.23 9.90
CA PRO A 431 -5.34 -16.80 11.23
C PRO A 431 -4.01 -16.91 11.96
N VAL A 432 -4.02 -16.55 13.25
CA VAL A 432 -2.83 -16.62 14.09
C VAL A 432 -3.20 -17.24 15.44
N THR A 433 -2.18 -17.71 16.14
CA THR A 433 -2.33 -18.22 17.49
C THR A 433 -1.13 -17.76 18.32
N TRP A 434 -1.24 -17.94 19.63
CA TRP A 434 -0.19 -17.56 20.58
C TRP A 434 -0.40 -18.39 21.83
N SER A 435 0.60 -18.40 22.70
N SER A 435 0.59 -18.38 22.71
CA SER A 435 0.50 -19.19 23.93
CA SER A 435 0.49 -19.10 23.98
C SER A 435 0.23 -18.31 25.15
C SER A 435 -0.15 -18.25 25.06
CHA HEM B . 1.98 7.55 -2.73
CHB HEM B . 3.37 3.20 -1.06
CHC HEM B . 1.25 4.14 3.21
CHD HEM B . -0.47 8.29 1.41
C1A HEM B . 2.58 6.30 -2.60
C2A HEM B . 3.28 5.65 -3.67
C3A HEM B . 3.67 4.41 -3.21
C4A HEM B . 3.20 4.32 -1.87
CMA HEM B . 4.45 3.37 -3.96
CAA HEM B . 3.58 6.22 -5.05
CBA HEM B . 4.93 6.97 -5.02
CGA HEM B . 5.34 7.52 -6.37
O1A HEM B . 4.52 7.64 -7.30
O2A HEM B . 6.55 7.87 -6.55
C1B HEM B . 2.90 3.11 0.26
C2B HEM B . 3.17 1.96 1.08
C3B HEM B . 2.58 2.23 2.28
C4B HEM B . 1.94 3.54 2.16
CMB HEM B . 3.97 0.73 0.70
CAB HEM B . 2.53 1.40 3.51
CBB HEM B . 3.50 0.57 3.90
C1C HEM B . 0.61 5.37 3.10
C2C HEM B . -0.05 6.03 4.16
C3C HEM B . -0.55 7.21 3.64
C4C HEM B . -0.17 7.25 2.24
CMC HEM B . -0.13 5.52 5.59
CAC HEM B . -1.30 8.23 4.41
CBC HEM B . -2.29 9.00 3.98
C1D HEM B . 0.06 8.41 0.10
C2D HEM B . -0.22 9.56 -0.76
C3D HEM B . 0.47 9.36 -1.90
C4D HEM B . 1.16 8.08 -1.74
CMD HEM B . -1.13 10.72 -0.39
CAD HEM B . 0.49 10.29 -3.10
CBD HEM B . 1.65 11.31 -2.93
CGD HEM B . 1.71 12.35 -4.02
O1D HEM B . 1.06 12.17 -5.09
O2D HEM B . 2.41 13.37 -3.81
NA HEM B . 2.52 5.45 -1.52
NB HEM B . 2.13 4.03 0.92
NC HEM B . 0.55 6.12 1.94
ND HEM B . 0.90 7.54 -0.51
FE HEM B . 1.54 5.80 0.22
C11 M65 C . -8.33 3.87 -6.46
C11 M65 C . -8.10 4.04 -6.48
C10 M65 C . -7.60 5.85 -5.41
C10 M65 C . -7.29 5.88 -5.31
C9 M65 C . -7.33 6.57 -4.11
C9 M65 C . -6.94 6.56 -4.02
C8 M65 C . -6.24 5.93 -3.30
C8 M65 C . -5.74 5.94 -3.37
C7 M65 C . -4.97 5.65 -4.09
C7 M65 C . -4.52 6.05 -4.27
C2 M65 C . -0.97 3.94 -0.02
C2 M65 C . -0.87 4.07 -0.01
C6 M65 C . -3.96 4.85 -3.29
C6 M65 C . -3.22 5.44 -3.75
C5 M65 C . -2.69 4.52 -4.03
C5 M65 C . -3.26 3.95 -3.55
N1 M65 C . -0.07 4.76 -0.65
N1 M65 C . -0.01 4.92 -0.68
C3 M65 C . -1.76 3.34 -0.91
C3 M65 C . -1.65 3.42 -0.88
N2 M65 C . -1.34 3.77 -2.14
N2 M65 C . -1.27 3.82 -2.13
C4 M65 C . -1.89 3.38 -3.43
C4 M65 C . -1.88 3.34 -3.36
C1 M65 C . -0.31 4.62 -1.93
C1 M65 C . -0.27 4.72 -1.97
C12 M65 C . -7.06 3.31 -7.04
C12 M65 C . -6.88 3.44 -7.09
O1 M65 C . -7.43 6.32 -6.51
O1 M65 C . -7.16 6.39 -6.38
O2 M65 C . -8.07 4.63 -5.24
O2 M65 C . -7.75 4.65 -5.19
C1 GOL D . 11.47 -11.52 23.53
C2 GOL D . 11.19 -10.20 24.28
O2 GOL D . 11.36 -9.09 23.49
C3 GOL D . 9.72 -10.29 24.73
C1 GOL E . -7.78 5.77 -10.15
O1 GOL E . -7.50 7.08 -10.63
C2 GOL E . -9.06 5.22 -10.93
O2 GOL E . -8.84 5.12 -12.31
C3 GOL E . -9.44 3.78 -10.36
O3 GOL E . -8.29 2.95 -10.37
C1 GOL F . 6.32 -11.84 0.22
C1 GOL F . 6.32 -11.56 0.39
O1 GOL F . 5.90 -10.62 -0.25
O1 GOL F . 5.22 -11.06 1.08
C2 GOL F . 5.12 -12.75 -0.02
C2 GOL F . 5.84 -12.80 -0.38
O2 GOL F . 4.65 -12.64 -1.32
O2 GOL F . 4.66 -12.54 -1.07
C3 GOL F . 5.60 -14.17 0.34
C3 GOL F . 7.01 -13.16 -1.31
O3 GOL F . 4.47 -14.98 0.38
O3 GOL F . 6.68 -14.38 -1.90
C1 GOL G . -7.41 0.16 -9.25
O1 GOL G . -8.46 0.14 -10.15
C2 GOL G . -7.72 -0.83 -8.12
O2 GOL G . -7.01 -2.03 -8.30
C3 GOL G . -9.23 -1.06 -8.25
O3 GOL G . -9.70 -1.54 -7.02
MG MG H . -11.59 13.05 16.36
MG MG I . -12.18 -15.94 15.27
CL CL J . 7.03 -14.55 3.59
#